data_7KGT
#
_entry.id   7KGT
#
_cell.length_a   60.287
_cell.length_b   79.684
_cell.length_c   111.117
_cell.angle_alpha   90.000
_cell.angle_beta   90.000
_cell.angle_gamma   90.000
#
_symmetry.space_group_name_H-M   'P 21 21 21'
#
loop_
_entity.id
_entity.type
_entity.pdbx_description
1 polymer 'MHC class I antigen'
2 polymer Beta-2-microglobulin
3 polymer Nucleoprotein
4 non-polymer 'CADMIUM ION'
5 non-polymer 'SODIUM ION'
6 non-polymer 'ACETATE ION'
7 water water
#
loop_
_entity_poly.entity_id
_entity_poly.type
_entity_poly.pdbx_seq_one_letter_code
_entity_poly.pdbx_strand_id
1 'polypeptide(L)'
;GSHSMRYFFTSVSRPGRGEPRFIAVGYVDDTQFVRFDSDAASQRMEPRAPWIEQEGPEYWDGETRKVKAHSQTHRVDLGT
LRGYYNQSEAGSHTVQRMYGCDVGSDWRFLRGYHQYAYDGKDYIALKEDLRSWTAADMAAQTTKHKWEAAHVAEQLRAYL
EGTCVEWLRRYLENGKETLQRTDAPKTHMTHHAVSDHEATLRCWALSFYPAEITLTWQRDGEDQTQDTELVETRPAGDGT
FQKWVAVVVPSGQEQRYTCHVQHEGLPKPLTLRWEPSS
;
A
2 'polypeptide(L)'
;IQRTPKIQVYSRHPAENGKSNFLNCYVSGFHPSDIEVDLLKNGERIEKVEHSDLSFSKDWSFYLLYYTEFTPTEKDEYAC
RVNHVTLSQPKIVKWDRDM
;
B
3 'polypeptide(L)' RLNQLESKM C
#
loop_
_chem_comp.id
_chem_comp.type
_chem_comp.name
_chem_comp.formula
ACT non-polymer 'ACETATE ION' 'C2 H3 O2 -1'
CD non-polymer 'CADMIUM ION' 'Cd 2'
NA non-polymer 'SODIUM ION' 'Na 1'
#
# COMPACT_ATOMS: atom_id res chain seq x y z
N GLY A 1 2.04 20.72 3.26
CA GLY A 1 0.72 20.32 2.80
C GLY A 1 -0.07 19.63 3.90
N SER A 2 -1.09 18.84 3.51
CA SER A 2 -1.88 18.09 4.46
CA SER A 2 -1.87 18.10 4.48
C SER A 2 -1.17 16.77 4.81
N HIS A 3 -1.53 16.21 5.97
CA HIS A 3 -0.84 15.03 6.49
C HIS A 3 -1.82 14.11 7.18
N SER A 4 -1.40 12.86 7.39
CA SER A 4 -2.25 11.85 8.01
CA SER A 4 -2.25 11.87 8.03
C SER A 4 -1.42 10.91 8.86
N MET A 5 -2.07 10.30 9.87
CA MET A 5 -1.48 9.20 10.62
C MET A 5 -2.51 8.08 10.63
N ARG A 6 -2.08 6.87 10.29
CA ARG A 6 -3.00 5.74 10.17
C ARG A 6 -2.40 4.46 10.70
N TYR A 7 -3.23 3.63 11.34
CA TYR A 7 -2.82 2.30 11.78
C TYR A 7 -3.69 1.25 11.10
N PHE A 8 -3.06 0.16 10.64
CA PHE A 8 -3.70 -0.94 9.93
C PHE A 8 -3.47 -2.22 10.72
N PHE A 9 -4.52 -3.03 10.91
CA PHE A 9 -4.44 -4.27 11.69
C PHE A 9 -5.11 -5.39 10.92
N THR A 10 -4.45 -6.55 10.86
CA THR A 10 -5.01 -7.73 10.21
C THR A 10 -4.83 -8.94 11.12
N SER A 11 -5.91 -9.69 11.34
CA SER A 11 -5.84 -10.94 12.11
CA SER A 11 -5.84 -10.92 12.11
C SER A 11 -6.47 -12.03 11.29
N VAL A 12 -5.79 -13.18 11.20
CA VAL A 12 -6.25 -14.31 10.37
C VAL A 12 -6.30 -15.55 11.24
N SER A 13 -7.49 -16.13 11.39
CA SER A 13 -7.61 -17.28 12.29
C SER A 13 -6.95 -18.51 11.70
N ARG A 14 -6.45 -19.38 12.58
CA ARG A 14 -5.75 -20.61 12.23
C ARG A 14 -6.49 -21.78 12.86
N PRO A 15 -7.56 -22.26 12.23
CA PRO A 15 -8.40 -23.30 12.85
C PRO A 15 -7.64 -24.56 13.19
N GLY A 16 -6.58 -24.88 12.44
CA GLY A 16 -5.87 -26.13 12.67
C GLY A 16 -5.15 -26.19 14.00
N ARG A 17 -4.47 -25.10 14.38
CA ARG A 17 -3.74 -25.07 15.64
C ARG A 17 -3.32 -23.65 16.00
N GLY A 18 -3.59 -23.24 17.22
CA GLY A 18 -3.02 -22.01 17.76
C GLY A 18 -3.87 -20.78 17.52
N GLU A 19 -3.27 -19.64 17.83
CA GLU A 19 -3.88 -18.31 17.84
C GLU A 19 -3.81 -17.67 16.45
N PRO A 20 -4.60 -16.63 16.19
CA PRO A 20 -4.56 -16.01 14.86
C PRO A 20 -3.20 -15.39 14.54
N ARG A 21 -2.90 -15.28 13.25
CA ARG A 21 -1.77 -14.49 12.80
C ARG A 21 -2.18 -13.02 12.85
N PHE A 22 -1.38 -12.17 13.49
CA PHE A 22 -1.73 -10.77 13.70
C PHE A 22 -0.60 -9.87 13.20
N ILE A 23 -0.91 -8.92 12.31
CA ILE A 23 0.07 -7.95 11.80
C ILE A 23 -0.49 -6.54 11.92
N ALA A 24 0.30 -5.63 12.51
CA ALA A 24 -0.07 -4.24 12.71
C ALA A 24 1.03 -3.34 12.14
N VAL A 25 0.63 -2.28 11.44
CA VAL A 25 1.58 -1.30 10.87
C VAL A 25 1.03 0.09 11.10
N GLY A 26 1.93 1.03 11.38
CA GLY A 26 1.56 2.43 11.53
C GLY A 26 2.26 3.26 10.47
N TYR A 27 1.53 4.24 9.93
CA TYR A 27 2.02 5.12 8.86
C TYR A 27 1.84 6.58 9.24
N VAL A 28 2.83 7.42 8.91
CA VAL A 28 2.62 8.85 8.76
C VAL A 28 2.69 9.15 7.26
N ASP A 29 1.59 9.66 6.70
CA ASP A 29 1.48 9.82 5.24
C ASP A 29 1.79 8.45 4.62
N ASP A 30 2.73 8.36 3.68
CA ASP A 30 3.07 7.11 3.01
C ASP A 30 4.33 6.46 3.60
N THR A 31 4.73 6.82 4.82
CA THR A 31 5.94 6.30 5.44
C THR A 31 5.58 5.36 6.58
N GLN A 32 5.93 4.08 6.45
CA GLN A 32 5.76 3.14 7.55
C GLN A 32 6.71 3.48 8.69
N PHE A 33 6.21 3.59 9.93
CA PHE A 33 7.12 3.92 11.02
C PHE A 33 7.14 2.95 12.20
N VAL A 34 6.14 2.06 12.36
CA VAL A 34 6.17 1.02 13.39
C VAL A 34 5.50 -0.22 12.82
N ARG A 35 5.80 -1.37 13.42
CA ARG A 35 5.17 -2.63 13.03
C ARG A 35 5.12 -3.56 14.23
N PHE A 36 4.15 -4.48 14.21
CA PHE A 36 4.12 -5.62 15.10
C PHE A 36 3.73 -6.84 14.29
N ASP A 37 4.42 -7.95 14.48
CA ASP A 37 4.05 -9.19 13.82
C ASP A 37 4.07 -10.31 14.86
N SER A 38 2.92 -10.97 15.05
CA SER A 38 2.83 -12.04 16.04
C SER A 38 3.82 -13.17 15.76
N ASP A 39 4.25 -13.38 14.50
CA ASP A 39 5.25 -14.43 14.26
C ASP A 39 6.69 -14.00 14.48
N ALA A 40 6.95 -12.72 14.74
CA ALA A 40 8.33 -12.28 14.92
C ALA A 40 8.83 -12.62 16.33
N ALA A 41 10.14 -12.60 16.50
CA ALA A 41 10.72 -13.11 17.75
C ALA A 41 10.56 -12.12 18.90
N SER A 42 10.58 -10.81 18.63
CA SER A 42 10.68 -9.84 19.71
C SER A 42 9.39 -9.75 20.54
N GLN A 43 8.23 -9.93 19.91
CA GLN A 43 6.94 -9.70 20.57
C GLN A 43 6.84 -8.27 21.11
N ARG A 44 7.45 -7.32 20.42
CA ARG A 44 7.36 -5.92 20.77
C ARG A 44 7.00 -5.11 19.52
N MET A 45 6.34 -3.99 19.73
CA MET A 45 6.23 -2.99 18.68
C MET A 45 7.64 -2.54 18.30
N GLU A 46 7.95 -2.49 17.00
CA GLU A 46 9.32 -2.22 16.57
C GLU A 46 9.39 -1.00 15.67
N PRO A 47 10.47 -0.23 15.74
CA PRO A 47 10.62 0.93 14.86
C PRO A 47 10.96 0.56 13.42
N ARG A 48 10.46 1.38 12.49
CA ARG A 48 10.75 1.21 11.08
C ARG A 48 11.17 2.51 10.41
N ALA A 49 11.33 3.59 11.15
CA ALA A 49 11.85 4.84 10.63
C ALA A 49 12.82 5.44 11.65
N PRO A 50 13.87 6.12 11.17
CA PRO A 50 14.87 6.64 12.12
C PRO A 50 14.33 7.63 13.14
N TRP A 51 13.38 8.48 12.75
CA TRP A 51 12.90 9.53 13.63
C TRP A 51 12.03 9.03 14.78
N ILE A 52 11.56 7.77 14.74
CA ILE A 52 10.76 7.23 15.84
C ILE A 52 11.65 6.57 16.88
N GLU A 53 12.88 6.20 16.51
CA GLU A 53 13.83 5.63 17.45
C GLU A 53 14.21 6.62 18.55
N GLN A 54 13.98 7.92 18.35
CA GLN A 54 14.14 8.91 19.42
C GLN A 54 13.33 8.55 20.67
N GLU A 55 12.16 7.94 20.50
CA GLU A 55 11.23 7.79 21.60
C GLU A 55 11.80 6.85 22.66
N GLY A 56 11.54 7.15 23.93
CA GLY A 56 12.13 6.41 25.03
C GLY A 56 11.40 5.10 25.32
N PRO A 57 11.95 4.35 26.28
CA PRO A 57 11.41 3.02 26.59
C PRO A 57 9.97 3.04 27.12
N GLU A 58 9.53 4.11 27.76
CA GLU A 58 8.13 4.16 28.17
C GLU A 58 7.20 4.19 26.95
N TYR A 59 7.64 4.84 25.87
CA TYR A 59 6.88 4.78 24.62
C TYR A 59 6.76 3.35 24.12
N TRP A 60 7.90 2.67 23.93
CA TRP A 60 7.88 1.32 23.37
C TRP A 60 7.14 0.34 24.27
N ASP A 61 7.24 0.50 25.58
CA ASP A 61 6.45 -0.32 26.49
C ASP A 61 4.95 -0.09 26.30
N GLY A 62 4.53 1.18 26.32
CA GLY A 62 3.12 1.49 26.14
C GLY A 62 2.58 1.00 24.81
N GLU A 63 3.32 1.24 23.71
CA GLU A 63 2.82 0.82 22.41
C GLU A 63 2.73 -0.70 22.31
N THR A 64 3.69 -1.42 22.92
CA THR A 64 3.61 -2.87 22.89
C THR A 64 2.40 -3.39 23.65
N ARG A 65 2.11 -2.81 24.81
CA ARG A 65 0.93 -3.23 25.56
C ARG A 65 -0.34 -3.01 24.75
N LYS A 66 -0.47 -1.85 24.13
CA LYS A 66 -1.68 -1.52 23.39
C LYS A 66 -1.83 -2.40 22.15
N VAL A 67 -0.73 -2.68 21.45
CA VAL A 67 -0.89 -3.47 20.22
C VAL A 67 -1.21 -4.92 20.57
N LYS A 68 -0.69 -5.46 21.70
CA LYS A 68 -1.07 -6.80 22.11
C LYS A 68 -2.52 -6.85 22.55
N ALA A 69 -3.01 -5.78 23.20
CA ALA A 69 -4.43 -5.69 23.53
C ALA A 69 -5.29 -5.68 22.27
N HIS A 70 -4.85 -4.95 21.23
CA HIS A 70 -5.58 -4.98 19.96
C HIS A 70 -5.65 -6.41 19.42
N SER A 71 -4.55 -7.15 19.52
CA SER A 71 -4.52 -8.50 18.99
CA SER A 71 -4.52 -8.52 19.01
C SER A 71 -5.52 -9.41 19.72
N GLN A 72 -5.66 -9.24 21.04
CA GLN A 72 -6.64 -10.05 21.77
C GLN A 72 -8.07 -9.64 21.43
N THR A 73 -8.33 -8.35 21.24
CA THR A 73 -9.64 -7.91 20.78
C THR A 73 -10.01 -8.61 19.46
N HIS A 74 -9.08 -8.60 18.50
CA HIS A 74 -9.32 -9.30 17.23
C HIS A 74 -9.56 -10.79 17.44
N ARG A 75 -8.78 -11.42 18.34
CA ARG A 75 -8.99 -12.85 18.57
C ARG A 75 -10.40 -13.11 19.07
N VAL A 76 -10.85 -12.31 20.05
CA VAL A 76 -12.21 -12.46 20.58
C VAL A 76 -13.25 -12.20 19.49
N ASP A 77 -13.09 -11.10 18.73
CA ASP A 77 -14.03 -10.80 17.65
C ASP A 77 -14.15 -11.93 16.64
N LEU A 78 -13.03 -12.56 16.26
CA LEU A 78 -13.12 -13.66 15.30
C LEU A 78 -14.07 -14.73 15.81
N GLY A 79 -13.97 -15.06 17.11
CA GLY A 79 -14.91 -16.02 17.69
C GLY A 79 -16.34 -15.51 17.69
N THR A 80 -16.54 -14.24 18.03
CA THR A 80 -17.89 -13.69 18.12
C THR A 80 -18.58 -13.68 16.76
N LEU A 81 -17.86 -13.24 15.71
CA LEU A 81 -18.45 -13.12 14.38
C LEU A 81 -18.72 -14.48 13.76
N ARG A 82 -17.82 -15.45 14.00
CA ARG A 82 -18.12 -16.81 13.59
C ARG A 82 -19.48 -17.26 14.10
N GLY A 83 -19.78 -16.95 15.36
CA GLY A 83 -21.09 -17.28 15.90
C GLY A 83 -22.22 -16.51 15.25
N TYR A 84 -22.05 -15.19 15.09
CA TYR A 84 -23.08 -14.37 14.43
C TYR A 84 -23.43 -14.93 13.06
N TYR A 85 -22.43 -15.39 12.31
CA TYR A 85 -22.64 -15.85 10.94
C TYR A 85 -22.85 -17.35 10.84
N ASN A 86 -22.90 -18.06 11.96
CA ASN A 86 -23.17 -19.50 11.99
C ASN A 86 -22.15 -20.25 11.14
N GLN A 87 -20.88 -19.90 11.26
CA GLN A 87 -19.82 -20.54 10.49
C GLN A 87 -19.14 -21.66 11.26
N SER A 88 -18.64 -22.63 10.51
CA SER A 88 -17.89 -23.76 11.04
C SER A 88 -16.63 -23.32 11.77
N GLU A 89 -16.19 -24.14 12.73
CA GLU A 89 -14.90 -23.91 13.34
C GLU A 89 -13.74 -24.37 12.47
N ALA A 90 -14.02 -25.01 11.33
CA ALA A 90 -12.97 -25.55 10.47
C ALA A 90 -12.32 -24.50 9.56
N GLY A 91 -13.01 -23.39 9.24
CA GLY A 91 -12.47 -22.47 8.25
C GLY A 91 -11.63 -21.33 8.86
N SER A 92 -10.80 -20.72 8.01
CA SER A 92 -10.02 -19.56 8.39
C SER A 92 -10.79 -18.30 8.02
N HIS A 93 -10.77 -17.30 8.90
CA HIS A 93 -11.47 -16.04 8.61
C HIS A 93 -10.56 -14.86 8.96
N THR A 94 -10.92 -13.67 8.47
CA THR A 94 -10.07 -12.48 8.58
C THR A 94 -10.86 -11.30 9.17
N VAL A 95 -10.25 -10.61 10.12
CA VAL A 95 -10.74 -9.31 10.56
CA VAL A 95 -10.72 -9.32 10.59
C VAL A 95 -9.67 -8.27 10.25
N GLN A 96 -10.11 -7.11 9.76
CA GLN A 96 -9.23 -5.98 9.43
C GLN A 96 -9.75 -4.70 10.07
N ARG A 97 -8.83 -3.85 10.54
CA ARG A 97 -9.21 -2.62 11.20
C ARG A 97 -8.24 -1.54 10.76
N MET A 98 -8.77 -0.33 10.51
CA MET A 98 -7.95 0.81 10.15
C MET A 98 -8.51 2.03 10.86
N TYR A 99 -7.63 2.83 11.45
CA TYR A 99 -8.07 4.10 12.03
C TYR A 99 -6.96 5.13 11.93
N GLY A 100 -7.36 6.39 12.02
CA GLY A 100 -6.40 7.47 11.89
C GLY A 100 -7.07 8.82 11.73
N CYS A 101 -6.22 9.84 11.55
CA CYS A 101 -6.66 11.22 11.51
C CYS A 101 -5.92 11.95 10.39
N ASP A 102 -6.56 12.98 9.82
CA ASP A 102 -5.94 13.88 8.85
C ASP A 102 -5.88 15.29 9.42
N VAL A 103 -4.81 16.03 9.08
CA VAL A 103 -4.68 17.44 9.43
C VAL A 103 -4.38 18.22 8.15
N GLY A 104 -4.77 19.50 8.15
CA GLY A 104 -4.54 20.36 7.02
C GLY A 104 -3.16 20.96 7.01
N SER A 105 -2.95 21.89 6.07
CA SER A 105 -1.64 22.52 5.95
CA SER A 105 -1.65 22.56 5.93
C SER A 105 -1.26 23.31 7.20
N ASP A 106 -2.24 23.76 7.98
CA ASP A 106 -2.04 24.40 9.27
C ASP A 106 -1.83 23.40 10.42
N TRP A 107 -1.76 22.09 10.12
CA TRP A 107 -1.66 20.99 11.10
C TRP A 107 -2.84 20.93 12.09
N ARG A 108 -3.98 21.51 11.75
CA ARG A 108 -5.19 21.37 12.56
C ARG A 108 -6.05 20.21 12.06
N PHE A 109 -6.80 19.60 12.99
CA PHE A 109 -7.64 18.44 12.71
C PHE A 109 -8.61 18.70 11.55
N LEU A 110 -8.62 17.79 10.59
CA LEU A 110 -9.54 17.85 9.46
C LEU A 110 -10.62 16.79 9.53
N ARG A 111 -10.24 15.52 9.76
CA ARG A 111 -11.22 14.44 9.82
C ARG A 111 -10.57 13.24 10.51
N GLY A 112 -11.41 12.35 11.03
CA GLY A 112 -10.94 11.11 11.61
C GLY A 112 -11.74 9.95 11.05
N TYR A 113 -11.22 8.75 11.24
CA TYR A 113 -11.93 7.58 10.74
C TYR A 113 -11.53 6.33 11.51
N HIS A 114 -12.46 5.36 11.55
CA HIS A 114 -12.26 4.11 12.27
C HIS A 114 -13.19 3.10 11.60
N GLN A 115 -12.62 2.11 10.91
CA GLN A 115 -13.37 1.16 10.09
C GLN A 115 -12.94 -0.28 10.36
N TYR A 116 -13.89 -1.20 10.18
CA TYR A 116 -13.72 -2.61 10.52
C TYR A 116 -14.32 -3.47 9.41
N ALA A 117 -13.62 -4.55 9.05
CA ALA A 117 -14.07 -5.47 8.01
C ALA A 117 -13.98 -6.92 8.47
N TYR A 118 -14.88 -7.75 7.97
CA TYR A 118 -14.88 -9.18 8.24
C TYR A 118 -14.88 -9.91 6.91
N ASP A 119 -13.94 -10.83 6.74
CA ASP A 119 -13.71 -11.57 5.51
C ASP A 119 -13.72 -10.66 4.28
N GLY A 120 -13.06 -9.50 4.43
CA GLY A 120 -12.84 -8.63 3.29
C GLY A 120 -14.00 -7.75 2.88
N LYS A 121 -15.05 -7.68 3.69
CA LYS A 121 -16.20 -6.79 3.39
C LYS A 121 -16.42 -5.84 4.56
N ASP A 122 -16.92 -4.64 4.26
CA ASP A 122 -17.37 -3.72 5.31
C ASP A 122 -18.18 -4.44 6.38
N TYR A 123 -17.83 -4.23 7.64
CA TYR A 123 -18.63 -4.72 8.76
C TYR A 123 -19.23 -3.53 9.52
N ILE A 124 -18.43 -2.75 10.24
CA ILE A 124 -18.93 -1.58 10.95
C ILE A 124 -17.90 -0.47 10.84
N ALA A 125 -18.37 0.78 10.73
CA ALA A 125 -17.51 1.94 10.61
C ALA A 125 -18.09 3.14 11.34
N LEU A 126 -17.22 3.92 11.96
CA LEU A 126 -17.64 5.19 12.54
C LEU A 126 -18.01 6.14 11.41
N LYS A 127 -19.10 6.89 11.59
CA LYS A 127 -19.46 7.89 10.59
C LYS A 127 -18.54 9.09 10.72
N GLU A 128 -18.63 9.97 9.72
CA GLU A 128 -17.76 11.15 9.64
C GLU A 128 -17.97 12.10 10.81
N ASP A 129 -19.18 12.11 11.40
CA ASP A 129 -19.44 12.91 12.61
C ASP A 129 -18.68 12.40 13.84
N LEU A 130 -18.11 11.19 13.78
CA LEU A 130 -17.45 10.52 14.92
C LEU A 130 -18.39 10.31 16.10
N ARG A 131 -19.70 10.21 15.83
CA ARG A 131 -20.69 9.99 16.88
C ARG A 131 -21.53 8.74 16.67
N SER A 132 -21.67 8.28 15.45
CA SER A 132 -22.57 7.17 15.18
C SER A 132 -21.88 6.17 14.24
N TRP A 133 -22.56 5.06 13.99
CA TRP A 133 -21.97 3.90 13.33
C TRP A 133 -22.77 3.53 12.08
N THR A 134 -22.04 3.11 11.05
CA THR A 134 -22.59 2.47 9.85
C THR A 134 -22.42 0.96 10.02
N ALA A 135 -23.52 0.23 10.17
CA ALA A 135 -23.48 -1.23 10.22
C ALA A 135 -23.92 -1.79 8.86
N ALA A 136 -23.10 -2.67 8.27
CA ALA A 136 -23.39 -3.12 6.91
C ALA A 136 -24.51 -4.16 6.83
N ASP A 137 -24.74 -4.94 7.89
CA ASP A 137 -25.73 -5.99 7.89
C ASP A 137 -26.25 -6.21 9.31
N MET A 138 -27.12 -7.21 9.48
CA MET A 138 -27.75 -7.36 10.79
C MET A 138 -26.80 -7.89 11.85
N ALA A 139 -25.76 -8.65 11.48
CA ALA A 139 -24.76 -9.00 12.48
C ALA A 139 -24.08 -7.76 13.02
N ALA A 140 -23.60 -6.89 12.13
CA ALA A 140 -23.01 -5.63 12.55
C ALA A 140 -24.01 -4.75 13.31
N GLN A 141 -25.31 -4.84 12.98
CA GLN A 141 -26.30 -4.08 13.74
C GLN A 141 -26.27 -4.50 15.21
N THR A 142 -26.11 -5.79 15.48
CA THR A 142 -25.95 -6.26 16.86
C THR A 142 -24.72 -5.62 17.53
N THR A 143 -23.59 -5.56 16.81
CA THR A 143 -22.41 -4.92 17.38
C THR A 143 -22.65 -3.45 17.62
N LYS A 144 -23.32 -2.78 16.67
CA LYS A 144 -23.64 -1.36 16.82
C LYS A 144 -24.40 -1.09 18.11
N HIS A 145 -25.41 -1.90 18.42
CA HIS A 145 -26.17 -1.68 19.66
C HIS A 145 -25.31 -1.87 20.90
N LYS A 146 -24.35 -2.81 20.85
CA LYS A 146 -23.46 -2.95 21.99
C LYS A 146 -22.53 -1.76 22.13
N TRP A 147 -22.04 -1.22 21.02
CA TRP A 147 -21.06 -0.16 21.14
C TRP A 147 -21.73 1.15 21.52
N GLU A 148 -23.00 1.34 21.11
CA GLU A 148 -23.77 2.49 21.59
C GLU A 148 -23.95 2.44 23.11
N ALA A 149 -24.25 1.24 23.64
CA ALA A 149 -24.47 1.10 25.08
C ALA A 149 -23.19 1.32 25.87
N ALA A 150 -22.03 1.05 25.30
CA ALA A 150 -20.78 1.15 26.03
C ALA A 150 -19.98 2.43 25.73
N HIS A 151 -20.59 3.44 25.10
CA HIS A 151 -19.95 4.73 24.85
C HIS A 151 -18.68 4.63 24.00
N VAL A 152 -18.61 3.65 23.09
CA VAL A 152 -17.35 3.42 22.37
C VAL A 152 -17.01 4.60 21.47
N ALA A 153 -17.99 5.11 20.72
CA ALA A 153 -17.68 6.22 19.82
C ALA A 153 -17.11 7.44 20.54
N GLU A 154 -17.57 7.71 21.77
CA GLU A 154 -17.03 8.87 22.51
C GLU A 154 -15.53 8.73 22.72
N GLN A 155 -15.08 7.55 23.16
CA GLN A 155 -13.66 7.34 23.37
C GLN A 155 -12.87 7.43 22.07
N LEU A 156 -13.42 6.89 20.97
CA LEU A 156 -12.69 6.98 19.70
C LEU A 156 -12.61 8.43 19.24
N ARG A 157 -13.70 9.18 19.37
CA ARG A 157 -13.68 10.59 18.97
C ARG A 157 -12.63 11.36 19.78
N ALA A 158 -12.55 11.11 21.09
CA ALA A 158 -11.57 11.82 21.91
C ALA A 158 -10.15 11.55 21.42
N TYR A 159 -9.85 10.29 21.12
CA TYR A 159 -8.52 9.92 20.60
C TYR A 159 -8.26 10.58 19.24
N LEU A 160 -9.23 10.50 18.32
CA LEU A 160 -8.97 10.95 16.95
C LEU A 160 -8.75 12.44 16.87
N GLU A 161 -9.47 13.21 17.69
CA GLU A 161 -9.34 14.66 17.71
C GLU A 161 -8.27 15.14 18.68
N GLY A 162 -7.80 14.28 19.57
CA GLY A 162 -6.82 14.71 20.55
C GLY A 162 -5.50 14.01 20.36
N THR A 163 -5.31 12.88 21.05
CA THR A 163 -4.04 12.15 21.02
C THR A 163 -3.52 11.93 19.60
N CYS A 164 -4.40 11.50 18.69
CA CYS A 164 -3.94 11.18 17.34
C CYS A 164 -3.29 12.39 16.67
N VAL A 165 -3.96 13.55 16.70
CA VAL A 165 -3.43 14.73 16.03
CA VAL A 165 -3.41 14.71 16.02
C VAL A 165 -2.21 15.28 16.77
N GLU A 166 -2.18 15.16 18.10
CA GLU A 166 -1.06 15.69 18.88
C GLU A 166 0.22 14.93 18.58
N TRP A 167 0.15 13.60 18.53
CA TRP A 167 1.35 12.84 18.25
C TRP A 167 1.73 12.94 16.78
N LEU A 168 0.75 13.15 15.89
CA LEU A 168 1.09 13.36 14.49
C LEU A 168 1.95 14.60 14.33
N ARG A 169 1.55 15.71 14.97
CA ARG A 169 2.35 16.93 14.93
C ARG A 169 3.73 16.69 15.53
N ARG A 170 3.80 15.90 16.60
CA ARG A 170 5.08 15.58 17.19
C ARG A 170 5.98 14.82 16.21
N TYR A 171 5.42 13.81 15.53
CA TYR A 171 6.20 13.06 14.56
C TYR A 171 6.64 13.93 13.39
N LEU A 172 5.75 14.81 12.91
CA LEU A 172 6.08 15.65 11.77
C LEU A 172 7.26 16.58 12.09
N GLU A 173 7.34 17.03 13.34
CA GLU A 173 8.49 17.83 13.78
C GLU A 173 9.75 16.99 13.95
N ASN A 174 9.68 15.87 14.66
CA ASN A 174 10.88 15.06 14.84
C ASN A 174 11.41 14.50 13.53
N GLY A 175 10.53 14.16 12.59
CA GLY A 175 10.99 13.54 11.35
C GLY A 175 11.01 14.50 10.18
N LYS A 176 11.07 15.80 10.50
CA LYS A 176 10.99 16.91 9.56
C LYS A 176 11.83 16.69 8.30
N GLU A 177 13.04 16.15 8.47
CA GLU A 177 13.98 16.10 7.34
C GLU A 177 13.49 15.20 6.23
N THR A 178 12.69 14.18 6.55
CA THR A 178 12.06 13.37 5.50
C THR A 178 10.56 13.58 5.40
N LEU A 179 9.85 13.61 6.53
CA LEU A 179 8.39 13.64 6.49
C LEU A 179 7.86 14.93 5.86
N GLN A 180 8.56 16.06 6.02
CA GLN A 180 8.13 17.31 5.40
C GLN A 180 8.91 17.62 4.12
N ARG A 181 9.68 16.69 3.59
CA ARG A 181 10.36 16.88 2.32
C ARG A 181 9.49 16.26 1.23
N THR A 182 9.27 16.98 0.13
CA THR A 182 8.59 16.40 -1.02
C THR A 182 9.64 16.03 -2.06
N ASP A 183 9.46 14.86 -2.70
CA ASP A 183 10.37 14.41 -3.75
C ASP A 183 9.60 14.46 -5.07
N ALA A 184 9.91 15.44 -5.90
CA ALA A 184 9.24 15.56 -7.19
C ALA A 184 9.59 14.39 -8.10
N PRO A 185 8.68 13.99 -8.98
CA PRO A 185 8.95 12.89 -9.92
C PRO A 185 10.15 13.19 -10.81
N LYS A 186 11.05 12.21 -10.94
CA LYS A 186 12.07 12.29 -11.99
C LYS A 186 11.45 11.67 -13.23
N THR A 187 11.24 12.47 -14.28
CA THR A 187 10.45 12.03 -15.43
C THR A 187 11.28 11.88 -16.70
N HIS A 188 10.88 10.91 -17.53
CA HIS A 188 11.51 10.71 -18.83
C HIS A 188 10.57 9.88 -19.69
N MET A 189 10.81 9.91 -21.01
CA MET A 189 9.97 9.21 -21.96
CA MET A 189 9.98 9.25 -21.99
C MET A 189 10.78 8.18 -22.74
N THR A 190 10.20 6.99 -22.93
CA THR A 190 10.82 5.96 -23.76
C THR A 190 9.92 5.62 -24.94
N HIS A 191 10.50 4.94 -25.92
CA HIS A 191 9.91 4.72 -27.25
C HIS A 191 10.14 3.27 -27.61
N HIS A 192 9.07 2.54 -27.93
CA HIS A 192 9.18 1.11 -28.25
C HIS A 192 8.37 0.83 -29.50
N ALA A 193 9.05 0.61 -30.63
CA ALA A 193 8.34 0.24 -31.85
C ALA A 193 7.52 -1.02 -31.64
N VAL A 194 6.30 -1.04 -32.17
CA VAL A 194 5.47 -2.25 -32.15
C VAL A 194 5.24 -2.81 -33.53
N SER A 195 5.78 -2.17 -34.56
CA SER A 195 5.67 -2.54 -35.97
C SER A 195 6.51 -1.53 -36.72
N ASP A 196 6.58 -1.62 -38.05
CA ASP A 196 7.36 -0.66 -38.80
CA ASP A 196 7.36 -0.65 -38.79
C ASP A 196 6.65 0.68 -38.96
N HIS A 197 5.44 0.83 -38.39
CA HIS A 197 4.72 2.10 -38.48
C HIS A 197 3.84 2.46 -37.28
N GLU A 198 3.98 1.77 -36.13
CA GLU A 198 3.40 2.24 -34.87
C GLU A 198 4.45 2.06 -33.77
N ALA A 199 4.33 2.87 -32.71
CA ALA A 199 5.23 2.75 -31.58
C ALA A 199 4.49 3.05 -30.28
N THR A 200 4.95 2.48 -29.17
CA THR A 200 4.49 2.86 -27.85
C THR A 200 5.36 4.00 -27.32
N LEU A 201 4.74 5.06 -26.82
CA LEU A 201 5.45 6.07 -26.03
C LEU A 201 5.09 5.81 -24.58
N ARG A 202 6.10 5.74 -23.71
CA ARG A 202 5.88 5.46 -22.30
C ARG A 202 6.46 6.60 -21.48
N CYS A 203 5.62 7.21 -20.64
CA CYS A 203 6.00 8.35 -19.81
C CYS A 203 6.22 7.85 -18.38
N TRP A 204 7.41 8.06 -17.86
CA TRP A 204 7.84 7.50 -16.57
C TRP A 204 7.92 8.58 -15.50
N ALA A 205 7.43 8.27 -14.30
CA ALA A 205 7.61 9.11 -13.11
C ALA A 205 8.26 8.25 -12.05
N LEU A 206 9.46 8.64 -11.61
CA LEU A 206 10.25 7.78 -10.74
C LEU A 206 10.63 8.53 -9.47
N SER A 207 10.79 7.77 -8.41
CA SER A 207 11.45 8.25 -7.19
C SER A 207 10.70 9.40 -6.52
N PHE A 208 9.35 9.36 -6.55
CA PHE A 208 8.60 10.47 -5.98
C PHE A 208 7.96 10.11 -4.63
N TYR A 209 7.63 11.17 -3.88
CA TYR A 209 7.02 11.08 -2.56
C TYR A 209 6.32 12.40 -2.26
N PRO A 210 5.09 12.38 -1.77
CA PRO A 210 4.26 11.22 -1.43
C PRO A 210 3.73 10.49 -2.69
N ALA A 211 2.90 9.46 -2.49
CA ALA A 211 2.54 8.55 -3.57
C ALA A 211 1.51 9.16 -4.52
N GLU A 212 0.71 10.11 -4.06
CA GLU A 212 -0.32 10.72 -4.92
C GLU A 212 0.29 11.41 -6.14
N ILE A 213 -0.21 11.10 -7.34
CA ILE A 213 0.31 11.66 -8.58
C ILE A 213 -0.74 11.48 -9.67
N THR A 214 -0.70 12.35 -10.70
CA THR A 214 -1.54 12.20 -11.89
CA THR A 214 -1.52 12.16 -11.88
C THR A 214 -0.67 12.29 -13.14
N LEU A 215 -0.80 11.30 -14.03
CA LEU A 215 -0.12 11.27 -15.32
C LEU A 215 -1.20 11.22 -16.39
N THR A 216 -1.17 12.14 -17.35
CA THR A 216 -2.20 12.16 -18.38
C THR A 216 -1.59 12.46 -19.74
N TRP A 217 -2.15 11.84 -20.77
CA TRP A 217 -1.71 12.02 -22.16
C TRP A 217 -2.64 12.98 -22.86
N GLN A 218 -2.07 13.83 -23.73
CA GLN A 218 -2.85 14.71 -24.60
C GLN A 218 -2.36 14.54 -26.03
N ARG A 219 -3.29 14.69 -26.98
CA ARG A 219 -2.97 14.67 -28.40
C ARG A 219 -3.45 15.99 -29.00
N ASP A 220 -2.51 16.76 -29.56
CA ASP A 220 -2.83 18.10 -30.06
C ASP A 220 -3.60 18.89 -29.01
N GLY A 221 -3.17 18.72 -27.74
CA GLY A 221 -3.71 19.36 -26.57
C GLY A 221 -5.14 19.00 -26.19
N GLU A 222 -5.65 17.80 -26.55
CA GLU A 222 -6.92 17.46 -25.99
C GLU A 222 -6.61 16.19 -25.16
N ASP A 223 -7.39 15.86 -24.14
CA ASP A 223 -7.13 14.58 -23.46
C ASP A 223 -7.25 13.39 -24.42
N GLN A 224 -6.46 12.38 -24.12
CA GLN A 224 -6.33 11.12 -24.85
C GLN A 224 -6.51 9.94 -23.88
N THR A 225 -7.55 9.11 -24.08
CA THR A 225 -7.77 7.86 -23.34
C THR A 225 -7.76 6.62 -24.23
N GLN A 226 -8.13 6.76 -25.49
CA GLN A 226 -8.04 5.66 -26.43
C GLN A 226 -6.58 5.18 -26.56
N ASP A 227 -6.39 3.86 -26.51
CA ASP A 227 -5.07 3.26 -26.73
C ASP A 227 -4.03 3.72 -25.70
N THR A 228 -4.46 4.04 -24.48
CA THR A 228 -3.53 4.35 -23.40
C THR A 228 -3.55 3.24 -22.35
N GLU A 229 -2.48 3.15 -21.58
CA GLU A 229 -2.40 2.22 -20.46
C GLU A 229 -1.67 2.89 -19.31
N LEU A 230 -2.22 2.71 -18.11
CA LEU A 230 -1.80 3.37 -16.86
C LEU A 230 -1.63 2.30 -15.78
N VAL A 231 -0.41 2.12 -15.27
CA VAL A 231 -0.22 1.12 -14.22
C VAL A 231 -0.47 1.76 -12.85
N GLU A 232 -0.88 0.91 -11.91
CA GLU A 232 -1.03 1.33 -10.51
C GLU A 232 0.30 1.84 -9.95
N THR A 233 0.25 2.94 -9.20
CA THR A 233 1.43 3.42 -8.48
C THR A 233 2.02 2.30 -7.61
N ARG A 234 3.34 2.14 -7.66
CA ARG A 234 4.00 1.02 -7.00
C ARG A 234 5.22 1.49 -6.21
N PRO A 235 5.57 0.80 -5.13
CA PRO A 235 6.71 1.22 -4.31
C PRO A 235 8.03 0.86 -4.96
N ALA A 236 8.99 1.80 -4.91
CA ALA A 236 10.33 1.49 -5.37
C ALA A 236 11.05 0.55 -4.42
N GLY A 237 10.68 0.55 -3.14
CA GLY A 237 11.35 -0.23 -2.12
C GLY A 237 12.32 0.55 -1.28
N ASP A 238 12.58 1.82 -1.62
CA ASP A 238 13.42 2.70 -0.82
C ASP A 238 12.63 3.85 -0.18
N GLY A 239 11.30 3.69 -0.05
CA GLY A 239 10.44 4.73 0.48
C GLY A 239 9.78 5.63 -0.55
N THR A 240 10.21 5.57 -1.82
CA THR A 240 9.61 6.37 -2.88
C THR A 240 8.74 5.48 -3.79
N PHE A 241 8.11 6.12 -4.78
CA PHE A 241 7.11 5.45 -5.60
C PHE A 241 7.40 5.66 -7.08
N GLN A 242 6.75 4.84 -7.90
CA GLN A 242 6.93 4.81 -9.36
C GLN A 242 5.58 4.73 -10.04
N LYS A 243 5.49 5.32 -11.25
CA LYS A 243 4.30 5.11 -12.09
C LYS A 243 4.68 5.36 -13.54
N TRP A 244 3.96 4.72 -14.48
CA TRP A 244 4.10 5.10 -15.87
C TRP A 244 2.76 5.04 -16.60
N VAL A 245 2.66 5.80 -17.70
CA VAL A 245 1.53 5.79 -18.62
C VAL A 245 2.06 5.63 -20.03
N ALA A 246 1.28 4.97 -20.87
CA ALA A 246 1.75 4.69 -22.24
C ALA A 246 0.60 4.93 -23.22
N VAL A 247 0.98 5.24 -24.47
CA VAL A 247 0.04 5.42 -25.58
C VAL A 247 0.67 4.84 -26.86
N VAL A 248 -0.14 4.24 -27.71
CA VAL A 248 0.32 3.72 -29.00
C VAL A 248 0.02 4.79 -30.04
N VAL A 249 1.02 5.10 -30.89
CA VAL A 249 0.90 6.23 -31.82
C VAL A 249 1.38 5.76 -33.20
N PRO A 250 0.90 6.41 -34.27
CA PRO A 250 1.49 6.17 -35.59
C PRO A 250 2.92 6.69 -35.63
N SER A 251 3.83 5.89 -36.18
CA SER A 251 5.21 6.32 -36.26
C SER A 251 5.31 7.56 -37.15
N GLY A 252 6.14 8.51 -36.72
CA GLY A 252 6.22 9.80 -37.36
C GLY A 252 5.32 10.87 -36.76
N GLN A 253 4.35 10.52 -35.92
CA GLN A 253 3.41 11.48 -35.35
C GLN A 253 3.67 11.75 -33.85
N GLU A 254 4.86 11.41 -33.35
CA GLU A 254 5.10 11.48 -31.91
C GLU A 254 5.00 12.89 -31.35
N GLN A 255 5.33 13.91 -32.13
CA GLN A 255 5.30 15.27 -31.60
C GLN A 255 3.90 15.77 -31.27
N ARG A 256 2.84 15.10 -31.73
CA ARG A 256 1.48 15.48 -31.36
C ARG A 256 1.13 15.17 -29.91
N TYR A 257 1.87 14.26 -29.26
CA TYR A 257 1.48 13.67 -27.99
C TYR A 257 2.34 14.25 -26.87
N THR A 258 1.69 14.62 -25.77
CA THR A 258 2.38 15.22 -24.62
C THR A 258 1.90 14.52 -23.36
N CYS A 259 2.82 14.27 -22.45
CA CYS A 259 2.50 13.66 -21.16
C CYS A 259 2.59 14.74 -20.08
N HIS A 260 1.57 14.79 -19.22
CA HIS A 260 1.44 15.85 -18.22
C HIS A 260 1.48 15.24 -16.83
N VAL A 261 2.32 15.81 -15.97
CA VAL A 261 2.61 15.21 -14.67
C VAL A 261 2.26 16.22 -13.59
N GLN A 262 1.37 15.84 -12.69
CA GLN A 262 0.99 16.67 -11.54
C GLN A 262 1.37 15.96 -10.26
N HIS A 263 2.01 16.69 -9.35
CA HIS A 263 2.53 16.16 -8.10
C HIS A 263 2.77 17.32 -7.15
N GLU A 264 2.57 17.04 -5.86
CA GLU A 264 2.76 18.04 -4.80
C GLU A 264 4.15 18.67 -4.81
N GLY A 265 5.17 17.92 -5.24
CA GLY A 265 6.52 18.45 -5.28
C GLY A 265 6.88 19.29 -6.50
N LEU A 266 5.93 19.58 -7.38
CA LEU A 266 6.16 20.35 -8.60
C LEU A 266 5.44 21.67 -8.46
N PRO A 267 6.14 22.81 -8.46
CA PRO A 267 5.43 24.11 -8.49
C PRO A 267 4.43 24.22 -9.62
N LYS A 268 4.81 23.83 -10.84
CA LYS A 268 3.98 23.86 -12.03
C LYS A 268 3.90 22.44 -12.57
N PRO A 269 2.77 22.00 -13.13
CA PRO A 269 2.76 20.69 -13.78
C PRO A 269 3.80 20.61 -14.88
N LEU A 270 4.36 19.42 -15.08
CA LEU A 270 5.39 19.15 -16.08
C LEU A 270 4.74 18.66 -17.37
N THR A 271 5.37 18.99 -18.50
CA THR A 271 4.97 18.54 -19.82
C THR A 271 6.17 17.86 -20.46
N LEU A 272 5.98 16.63 -20.96
CA LEU A 272 7.02 15.89 -21.65
C LEU A 272 6.58 15.54 -23.06
N ARG A 273 7.54 15.54 -23.98
CA ARG A 273 7.36 15.19 -25.38
C ARG A 273 8.50 14.29 -25.81
N TRP A 274 8.23 13.37 -26.74
CA TRP A 274 9.30 12.47 -27.21
C TRP A 274 10.36 13.27 -27.94
N GLU A 275 11.62 13.02 -27.60
CA GLU A 275 12.71 13.72 -28.24
C GLU A 275 13.30 12.83 -29.32
N PRO A 276 13.16 13.20 -30.61
CA PRO A 276 13.35 12.22 -31.71
C PRO A 276 14.71 11.50 -31.78
N SER A 277 15.49 11.51 -30.69
CA SER A 277 16.70 10.69 -30.59
C SER A 277 16.66 9.94 -29.26
N SER A 278 17.00 8.65 -29.30
CA SER A 278 17.03 7.82 -28.08
C SER A 278 18.37 7.12 -27.89
N ILE B 1 -16.04 -13.62 -0.89
CA ILE B 1 -15.08 -12.59 -1.31
C ILE B 1 -13.70 -13.18 -1.51
N GLN B 2 -13.45 -13.58 -2.74
CA GLN B 2 -12.13 -14.01 -3.19
C GLN B 2 -11.73 -13.10 -4.35
N ARG B 3 -10.58 -12.45 -4.22
CA ARG B 3 -10.10 -11.52 -5.23
C ARG B 3 -8.70 -11.94 -5.61
N THR B 4 -8.45 -12.03 -6.94
CA THR B 4 -7.21 -12.54 -7.52
CA THR B 4 -7.20 -12.55 -7.44
C THR B 4 -6.11 -11.48 -7.46
N PRO B 5 -4.85 -11.86 -7.25
CA PRO B 5 -3.80 -10.84 -7.18
C PRO B 5 -3.49 -10.20 -8.52
N LYS B 6 -3.20 -8.92 -8.50
CA LYS B 6 -2.60 -8.21 -9.61
C LYS B 6 -1.10 -8.19 -9.37
N ILE B 7 -0.31 -8.32 -10.44
CA ILE B 7 1.13 -8.51 -10.30
C ILE B 7 1.86 -7.48 -11.15
N GLN B 8 2.88 -6.83 -10.57
CA GLN B 8 3.84 -6.04 -11.34
C GLN B 8 5.25 -6.47 -10.95
N VAL B 9 6.10 -6.78 -11.94
CA VAL B 9 7.48 -7.15 -11.72
CA VAL B 9 7.49 -7.12 -11.69
C VAL B 9 8.36 -6.08 -12.37
N TYR B 10 9.29 -5.52 -11.60
CA TYR B 10 10.04 -4.36 -12.09
C TYR B 10 11.30 -4.16 -11.27
N SER B 11 12.18 -3.27 -11.75
CA SER B 11 13.39 -2.94 -11.01
C SER B 11 13.24 -1.64 -10.24
N ARG B 12 13.99 -1.51 -9.15
CA ARG B 12 13.92 -0.30 -8.34
C ARG B 12 14.50 0.90 -9.09
N HIS B 13 15.55 0.69 -9.87
CA HIS B 13 16.24 1.71 -10.67
C HIS B 13 16.19 1.34 -12.15
N PRO B 14 16.33 2.31 -13.05
CA PRO B 14 16.40 1.98 -14.48
C PRO B 14 17.54 1.02 -14.73
N ALA B 15 17.25 -0.04 -15.50
CA ALA B 15 18.15 -1.18 -15.52
C ALA B 15 19.26 -0.97 -16.54
N GLU B 16 20.48 -1.33 -16.14
CA GLU B 16 21.65 -1.33 -17.02
C GLU B 16 22.33 -2.69 -16.86
N ASN B 17 22.65 -3.34 -17.97
CA ASN B 17 23.29 -4.64 -17.86
C ASN B 17 24.63 -4.51 -17.15
N GLY B 18 24.87 -5.41 -16.18
CA GLY B 18 26.09 -5.40 -15.43
C GLY B 18 26.12 -4.51 -14.21
N LYS B 19 25.07 -3.70 -13.95
CA LYS B 19 25.04 -2.88 -12.76
C LYS B 19 23.96 -3.33 -11.77
N SER B 20 24.38 -3.52 -10.52
CA SER B 20 23.50 -4.11 -9.52
CA SER B 20 23.50 -4.11 -9.52
C SER B 20 22.31 -3.19 -9.26
N ASN B 21 21.22 -3.80 -8.84
CA ASN B 21 19.90 -3.21 -8.83
C ASN B 21 19.07 -4.02 -7.83
N PHE B 22 17.77 -3.81 -7.81
CA PHE B 22 16.88 -4.56 -6.94
C PHE B 22 15.68 -4.99 -7.77
N LEU B 23 15.31 -6.27 -7.68
CA LEU B 23 14.16 -6.83 -8.38
C LEU B 23 12.94 -6.84 -7.46
N ASN B 24 11.82 -6.30 -7.94
CA ASN B 24 10.61 -6.13 -7.15
C ASN B 24 9.47 -6.96 -7.74
N CYS B 25 8.68 -7.60 -6.87
CA CYS B 25 7.40 -8.16 -7.30
C CYS B 25 6.33 -7.60 -6.37
N TYR B 26 5.47 -6.74 -6.92
CA TYR B 26 4.42 -6.08 -6.17
C TYR B 26 3.09 -6.80 -6.43
N VAL B 27 2.50 -7.40 -5.39
CA VAL B 27 1.22 -8.12 -5.52
C VAL B 27 0.17 -7.34 -4.75
N SER B 28 -0.98 -7.09 -5.38
CA SER B 28 -1.97 -6.20 -4.77
C SER B 28 -3.35 -6.67 -5.18
N GLY B 29 -4.36 -6.10 -4.53
CA GLY B 29 -5.73 -6.40 -4.90
C GLY B 29 -6.27 -7.77 -4.52
N PHE B 30 -5.61 -8.52 -3.65
CA PHE B 30 -6.05 -9.89 -3.38
C PHE B 30 -6.69 -10.03 -2.00
N HIS B 31 -7.48 -11.10 -1.87
CA HIS B 31 -8.14 -11.53 -0.64
C HIS B 31 -8.49 -13.00 -0.80
N PRO B 32 -8.22 -13.86 0.19
CA PRO B 32 -7.63 -13.63 1.52
C PRO B 32 -6.11 -13.40 1.45
N SER B 33 -5.47 -13.24 2.61
CA SER B 33 -4.11 -12.71 2.61
C SER B 33 -3.04 -13.77 2.35
N ASP B 34 -3.32 -15.06 2.57
CA ASP B 34 -2.28 -16.06 2.34
C ASP B 34 -1.93 -16.11 0.86
N ILE B 35 -0.63 -16.08 0.56
CA ILE B 35 -0.17 -15.98 -0.81
C ILE B 35 1.27 -16.52 -0.86
N GLU B 36 1.62 -17.15 -1.97
CA GLU B 36 2.97 -17.64 -2.21
C GLU B 36 3.60 -16.83 -3.34
N VAL B 37 4.72 -16.19 -3.06
CA VAL B 37 5.42 -15.37 -4.05
C VAL B 37 6.88 -15.81 -4.09
N ASP B 38 7.38 -16.14 -5.27
CA ASP B 38 8.78 -16.47 -5.50
C ASP B 38 9.34 -15.57 -6.60
N LEU B 39 10.60 -15.15 -6.44
CA LEU B 39 11.33 -14.51 -7.54
C LEU B 39 12.21 -15.59 -8.18
N LEU B 40 12.21 -15.65 -9.50
CA LEU B 40 12.89 -16.69 -10.24
C LEU B 40 14.03 -16.09 -11.06
N LYS B 41 15.13 -16.83 -11.15
CA LYS B 41 16.24 -16.49 -12.04
C LYS B 41 16.44 -17.70 -12.92
N ASN B 42 16.23 -17.53 -14.23
CA ASN B 42 16.36 -18.61 -15.19
C ASN B 42 15.51 -19.80 -14.76
N GLY B 43 14.31 -19.50 -14.27
CA GLY B 43 13.35 -20.51 -13.90
C GLY B 43 13.51 -21.10 -12.52
N GLU B 44 14.54 -20.72 -11.79
CA GLU B 44 14.83 -21.33 -10.50
C GLU B 44 14.65 -20.30 -9.39
N ARG B 45 14.19 -20.78 -8.24
CA ARG B 45 13.80 -19.88 -7.15
C ARG B 45 15.02 -19.22 -6.49
N ILE B 46 14.99 -17.88 -6.40
CA ILE B 46 16.00 -17.13 -5.67
C ILE B 46 15.73 -17.26 -4.19
N GLU B 47 16.77 -17.33 -3.36
CA GLU B 47 16.53 -17.83 -2.02
C GLU B 47 16.63 -16.79 -0.91
N LYS B 48 17.30 -15.65 -1.11
CA LYS B 48 17.24 -14.60 -0.08
C LYS B 48 16.33 -13.47 -0.59
N VAL B 49 15.02 -13.70 -0.48
CA VAL B 49 14.00 -12.75 -0.87
C VAL B 49 13.31 -12.26 0.39
N GLU B 50 13.15 -10.94 0.51
CA GLU B 50 12.44 -10.34 1.63
C GLU B 50 11.11 -9.75 1.18
N HIS B 51 10.26 -9.42 2.15
CA HIS B 51 8.98 -8.84 1.78
C HIS B 51 8.53 -7.83 2.83
N SER B 52 7.62 -6.95 2.41
CA SER B 52 7.07 -5.92 3.29
C SER B 52 6.08 -6.52 4.28
N ASP B 53 5.71 -5.71 5.28
CA ASP B 53 4.65 -6.09 6.21
C ASP B 53 3.28 -5.90 5.55
N LEU B 54 2.41 -6.91 5.70
CA LEU B 54 1.09 -6.91 5.10
C LEU B 54 0.29 -5.66 5.43
N SER B 55 -0.28 -5.03 4.40
CA SER B 55 -1.18 -3.90 4.60
C SER B 55 -2.30 -4.02 3.57
N PHE B 56 -3.21 -3.04 3.56
CA PHE B 56 -4.37 -3.18 2.68
C PHE B 56 -4.88 -1.82 2.24
N SER B 57 -5.68 -1.83 1.18
CA SER B 57 -6.20 -0.63 0.53
CA SER B 57 -6.18 -0.60 0.55
C SER B 57 -7.62 -0.32 0.99
N LYS B 58 -8.23 0.69 0.38
CA LYS B 58 -9.56 1.17 0.72
C LYS B 58 -10.61 0.07 0.69
N ASP B 59 -10.61 -0.75 -0.38
CA ASP B 59 -11.57 -1.83 -0.53
C ASP B 59 -11.21 -3.08 0.28
N TRP B 60 -10.25 -2.98 1.21
CA TRP B 60 -9.78 -4.03 2.09
C TRP B 60 -8.88 -5.04 1.39
N SER B 61 -8.60 -4.92 0.10
CA SER B 61 -7.71 -5.88 -0.54
CA SER B 61 -7.70 -5.86 -0.56
C SER B 61 -6.25 -5.66 -0.10
N PHE B 62 -5.50 -6.74 -0.03
CA PHE B 62 -4.14 -6.73 0.50
C PHE B 62 -3.08 -6.35 -0.56
N TYR B 63 -1.91 -5.91 -0.08
CA TYR B 63 -0.78 -5.74 -0.99
C TYR B 63 0.52 -6.03 -0.25
N LEU B 64 1.50 -6.52 -0.99
CA LEU B 64 2.82 -6.90 -0.49
C LEU B 64 3.89 -6.62 -1.55
N LEU B 65 5.09 -6.20 -1.11
CA LEU B 65 6.25 -6.10 -1.98
C LEU B 65 7.25 -7.18 -1.61
N TYR B 66 7.65 -7.99 -2.58
CA TYR B 66 8.76 -8.93 -2.45
C TYR B 66 9.96 -8.40 -3.22
N TYR B 67 11.16 -8.54 -2.67
CA TYR B 67 12.32 -7.91 -3.32
C TYR B 67 13.63 -8.61 -2.97
N THR B 68 14.60 -8.46 -3.88
CA THR B 68 15.94 -9.00 -3.70
C THR B 68 16.92 -8.24 -4.61
N GLU B 69 18.20 -8.24 -4.24
CA GLU B 69 19.22 -7.63 -5.11
C GLU B 69 19.41 -8.48 -6.37
N PHE B 70 19.72 -7.86 -7.52
CA PHE B 70 20.04 -8.74 -8.64
C PHE B 70 20.91 -7.87 -9.56
N THR B 71 21.58 -8.51 -10.50
CA THR B 71 22.31 -7.76 -11.53
C THR B 71 21.79 -8.14 -12.90
N PRO B 72 21.07 -7.27 -13.60
CA PRO B 72 20.57 -7.61 -14.93
C PRO B 72 21.72 -7.87 -15.90
N THR B 73 21.50 -8.83 -16.81
CA THR B 73 22.45 -9.18 -17.87
C THR B 73 21.67 -9.44 -19.16
N GLU B 74 22.40 -9.51 -20.30
CA GLU B 74 21.76 -9.87 -21.56
C GLU B 74 21.27 -11.30 -21.58
N LYS B 75 21.82 -12.12 -20.70
CA LYS B 75 21.69 -13.57 -20.67
C LYS B 75 20.65 -14.10 -19.68
N ASP B 76 20.40 -13.43 -18.56
CA ASP B 76 19.54 -14.06 -17.55
C ASP B 76 18.08 -13.62 -17.68
N GLU B 77 17.19 -14.56 -17.34
CA GLU B 77 15.74 -14.42 -17.33
C GLU B 77 15.31 -14.21 -15.89
N TYR B 78 14.53 -13.16 -15.61
CA TYR B 78 13.96 -13.01 -14.27
C TYR B 78 12.43 -12.95 -14.36
N ALA B 79 11.77 -13.37 -13.29
CA ALA B 79 10.32 -13.47 -13.27
C ALA B 79 9.82 -13.56 -11.83
N CYS B 80 8.53 -13.36 -11.67
CA CYS B 80 7.84 -13.52 -10.40
C CYS B 80 6.79 -14.63 -10.56
N ARG B 81 6.71 -15.53 -9.57
CA ARG B 81 5.76 -16.66 -9.60
C ARG B 81 4.83 -16.56 -8.41
N VAL B 82 3.52 -16.49 -8.68
CA VAL B 82 2.53 -16.21 -7.64
C VAL B 82 1.51 -17.33 -7.62
N ASN B 83 1.20 -17.83 -6.42
CA ASN B 83 0.09 -18.75 -6.26
C ASN B 83 -0.83 -18.24 -5.16
N HIS B 84 -2.13 -18.51 -5.34
CA HIS B 84 -3.16 -17.97 -4.47
C HIS B 84 -4.40 -18.85 -4.63
N VAL B 85 -5.27 -18.83 -3.62
CA VAL B 85 -6.45 -19.70 -3.65
C VAL B 85 -7.30 -19.44 -4.88
N THR B 86 -7.27 -18.21 -5.41
CA THR B 86 -8.07 -17.86 -6.57
C THR B 86 -7.48 -18.31 -7.89
N LEU B 87 -6.26 -18.85 -7.91
CA LEU B 87 -5.57 -19.23 -9.14
C LEU B 87 -5.49 -20.74 -9.27
N SER B 88 -5.79 -21.24 -10.47
CA SER B 88 -5.71 -22.68 -10.71
C SER B 88 -4.27 -23.16 -10.69
N GLN B 89 -3.39 -22.48 -11.43
CA GLN B 89 -1.97 -22.76 -11.54
C GLN B 89 -1.20 -21.52 -11.10
N PRO B 90 0.03 -21.67 -10.65
CA PRO B 90 0.84 -20.48 -10.37
C PRO B 90 0.98 -19.63 -11.62
N LYS B 91 0.90 -18.31 -11.42
CA LYS B 91 1.05 -17.32 -12.49
C LYS B 91 2.49 -16.83 -12.52
N ILE B 92 3.11 -16.87 -13.70
CA ILE B 92 4.48 -16.39 -13.88
C ILE B 92 4.47 -15.14 -14.75
N VAL B 93 5.01 -14.05 -14.21
CA VAL B 93 5.15 -12.81 -14.95
C VAL B 93 6.64 -12.55 -15.14
N LYS B 94 7.08 -12.45 -16.40
CA LYS B 94 8.49 -12.23 -16.70
C LYS B 94 8.85 -10.75 -16.52
N TRP B 95 10.03 -10.49 -15.95
CA TRP B 95 10.54 -9.13 -15.89
C TRP B 95 10.90 -8.63 -17.29
N ASP B 96 10.38 -7.45 -17.63
CA ASP B 96 10.73 -6.70 -18.83
C ASP B 96 11.18 -5.31 -18.37
N ARG B 97 12.42 -4.93 -18.70
CA ARG B 97 12.95 -3.67 -18.22
C ARG B 97 12.25 -2.46 -18.84
N ASP B 98 11.45 -2.64 -19.89
CA ASP B 98 10.68 -1.55 -20.45
C ASP B 98 9.41 -1.25 -19.67
N MET B 99 9.14 -1.99 -18.59
CA MET B 99 7.88 -1.88 -17.85
C MET B 99 8.03 -1.92 -16.31
N ARG C 1 1.24 7.00 17.80
CA ARG C 1 0.62 6.65 19.09
C ARG C 1 -0.70 5.91 18.89
N LEU C 2 -0.74 4.63 19.28
CA LEU C 2 -1.93 3.81 19.19
C LEU C 2 -3.01 4.31 20.13
N ASN C 3 -4.24 3.90 19.85
CA ASN C 3 -5.35 4.27 20.75
C ASN C 3 -5.51 3.26 21.90
CD CD D . 12.75 3.16 -29.54
CD CD E . -1.03 -1.23 -38.96
NA NA F . -1.23 -20.26 15.03
C ACT G . -19.06 -7.77 19.04
O ACT G . -18.91 -8.15 20.24
OXT ACT G . -20.15 -7.64 18.38
CH3 ACT G . -17.72 -7.43 18.22
#